data_6C3U
#
_entry.id   6C3U
#
_cell.length_a   44.765
_cell.length_b   68.837
_cell.length_c   90.312
_cell.angle_alpha   90.000
_cell.angle_beta   90.460
_cell.angle_gamma   90.000
#
_symmetry.space_group_name_H-M   'P 1 21 1'
#
loop_
_entity.id
_entity.type
_entity.pdbx_description
1 polymer 'FosA family fosfomycin resistance glutathione transferase'
2 non-polymer 'MANGANESE (II) ION'
3 non-polymer 3-bromo-6-(4-nitro-1H-pyrazol-3-yl)pyrazolo[1,5-a]pyrimidin-2(1H)-one
4 non-polymer GLYCEROL
5 water water
#
_entity_poly.entity_id   1
_entity_poly.type   'polypeptide(L)'
_entity_poly.pdbx_seq_one_letter_code
;MLSGLNHLTLAVSQLAPSVAFYQQLLGMTLHARWDSGAYLSCGDLWLCLSLDPQRRVTPPEESDYTHYAFSISEADFASF
AARLEAAGVAVWKLNRSEGASHYFLDPDGHKLELHVGSLAQRLAACREQPYKGMVFFEQHHHHHH
;
_entity_poly.pdbx_strand_id   A,B,C,D
#
# COMPACT_ATOMS: atom_id res chain seq x y z
N MET A 1 3.79 16.04 11.58
CA MET A 1 3.10 15.11 10.70
C MET A 1 4.10 14.33 9.85
N LEU A 2 4.92 15.08 9.12
CA LEU A 2 5.93 14.50 8.23
C LEU A 2 7.27 14.39 8.95
N SER A 3 7.97 13.29 8.70
CA SER A 3 9.21 13.00 9.43
C SER A 3 10.47 13.23 8.61
N GLY A 4 10.34 13.60 7.34
CA GLY A 4 11.51 13.89 6.53
C GLY A 4 11.20 13.65 5.06
N LEU A 5 12.24 13.77 4.24
CA LEU A 5 12.13 13.49 2.81
C LEU A 5 12.17 11.98 2.62
N ASN A 6 11.12 11.41 2.05
CA ASN A 6 11.12 9.97 1.82
C ASN A 6 12.02 9.61 0.64
N HIS A 7 11.84 10.27 -0.49
CA HIS A 7 12.73 10.06 -1.62
C HIS A 7 12.64 11.24 -2.57
N LEU A 8 13.65 11.34 -3.43
CA LEU A 8 13.68 12.30 -4.53
C LEU A 8 13.61 11.54 -5.83
N THR A 9 12.68 11.92 -6.70
CA THR A 9 12.52 11.27 -8.00
C THR A 9 12.83 12.29 -9.09
N LEU A 10 13.77 11.96 -9.97
CA LEU A 10 14.17 12.82 -11.07
C LEU A 10 13.74 12.17 -12.39
N ALA A 11 13.03 12.93 -13.22
CA ALA A 11 12.71 12.47 -14.55
C ALA A 11 13.95 12.57 -15.43
N VAL A 12 14.28 11.49 -16.13
CA VAL A 12 15.46 11.45 -16.97
C VAL A 12 15.04 11.08 -18.39
N SER A 13 15.77 11.62 -19.36
CA SER A 13 15.48 11.32 -20.76
C SER A 13 16.16 10.05 -21.23
N GLN A 14 17.35 9.75 -20.70
CA GLN A 14 18.08 8.53 -21.03
C GLN A 14 18.58 7.90 -19.75
N LEU A 15 18.14 6.67 -19.47
CA LEU A 15 18.44 6.05 -18.19
C LEU A 15 19.94 5.78 -18.02
N ALA A 16 20.59 5.27 -19.06
CA ALA A 16 21.99 4.86 -18.92
C ALA A 16 22.93 6.03 -18.61
N PRO A 17 22.91 7.15 -19.33
CA PRO A 17 23.78 8.27 -18.93
C PRO A 17 23.48 8.81 -17.54
N SER A 18 22.21 8.77 -17.12
CA SER A 18 21.86 9.27 -15.79
C SER A 18 22.38 8.33 -14.71
N VAL A 19 22.25 7.01 -14.92
CA VAL A 19 22.81 6.06 -13.96
C VAL A 19 24.31 6.23 -13.86
N ALA A 20 24.99 6.41 -15.00
CA ALA A 20 26.43 6.60 -14.99
C ALA A 20 26.80 7.88 -14.25
N PHE A 21 26.01 8.94 -14.41
CA PHE A 21 26.28 10.20 -13.74
C PHE A 21 26.19 10.05 -12.23
N TYR A 22 25.09 9.48 -11.74
CA TYR A 22 24.87 9.42 -10.30
C TYR A 22 25.65 8.29 -9.63
N GLN A 23 25.83 7.15 -10.31
CA GLN A 23 26.57 6.06 -9.68
C GLN A 23 28.07 6.24 -9.83
N GLN A 24 28.56 6.37 -11.06
CA GLN A 24 30.00 6.34 -11.28
C GLN A 24 30.65 7.70 -11.02
N LEU A 25 30.05 8.78 -11.50
CA LEU A 25 30.67 10.08 -11.31
C LEU A 25 30.44 10.62 -9.89
N LEU A 26 29.19 10.61 -9.42
CA LEU A 26 28.89 11.12 -8.09
C LEU A 26 29.09 10.10 -6.97
N GLY A 27 29.27 8.83 -7.29
CA GLY A 27 29.57 7.83 -6.28
C GLY A 27 28.39 7.31 -5.48
N MET A 28 27.16 7.51 -5.95
CA MET A 28 26.02 6.97 -5.22
C MET A 28 25.91 5.47 -5.42
N THR A 29 25.23 4.82 -4.47
CA THR A 29 25.08 3.37 -4.47
C THR A 29 23.87 2.96 -5.31
N LEU A 30 24.10 2.15 -6.33
CA LEU A 30 23.03 1.65 -7.19
C LEU A 30 22.45 0.38 -6.57
N HIS A 31 21.17 0.42 -6.22
CA HIS A 31 20.50 -0.71 -5.58
C HIS A 31 19.69 -1.56 -6.55
N ALA A 32 19.06 -0.94 -7.54
CA ALA A 32 18.25 -1.71 -8.48
C ALA A 32 18.04 -0.87 -9.74
N ARG A 33 17.69 -1.56 -10.82
CA ARG A 33 17.44 -0.92 -12.10
C ARG A 33 16.46 -1.77 -12.88
N TRP A 34 15.55 -1.11 -13.60
CA TRP A 34 14.61 -1.80 -14.48
C TRP A 34 14.52 -1.02 -15.78
N ASP A 35 13.60 -1.44 -16.66
CA ASP A 35 13.55 -0.88 -18.01
C ASP A 35 13.24 0.62 -18.00
N SER A 36 12.57 1.11 -16.96
CA SER A 36 12.15 2.51 -16.94
C SER A 36 12.64 3.28 -15.72
N GLY A 37 13.60 2.75 -14.97
CA GLY A 37 14.07 3.52 -13.83
C GLY A 37 15.19 2.82 -13.08
N ALA A 38 15.62 3.48 -12.01
CA ALA A 38 16.69 2.97 -11.16
C ALA A 38 16.52 3.55 -9.75
N TYR A 39 16.98 2.78 -8.77
CA TYR A 39 17.02 3.20 -7.38
C TYR A 39 18.47 3.34 -6.94
N LEU A 40 18.83 4.52 -6.43
CA LEU A 40 20.14 4.75 -5.86
C LEU A 40 19.99 5.34 -4.47
N SER A 41 21.06 5.26 -3.69
CA SER A 41 21.08 5.87 -2.36
C SER A 41 22.35 6.69 -2.18
N CYS A 42 22.20 7.76 -1.40
CA CYS A 42 23.30 8.67 -1.08
C CYS A 42 23.15 9.01 0.40
N GLY A 43 23.86 8.27 1.25
CA GLY A 43 23.57 8.35 2.66
C GLY A 43 22.15 7.90 2.91
N ASP A 44 21.39 8.70 3.65
CA ASP A 44 19.98 8.41 3.89
C ASP A 44 19.10 8.70 2.68
N LEU A 45 19.61 9.44 1.69
CA LEU A 45 18.78 9.85 0.57
C LEU A 45 18.44 8.66 -0.33
N TRP A 46 17.14 8.48 -0.58
CA TRP A 46 16.64 7.55 -1.58
C TRP A 46 16.40 8.33 -2.87
N LEU A 47 17.15 7.99 -3.92
CA LEU A 47 17.04 8.67 -5.21
C LEU A 47 16.45 7.71 -6.24
N CYS A 48 15.39 8.14 -6.91
CA CYS A 48 14.79 7.38 -8.00
C CYS A 48 14.98 8.14 -9.31
N LEU A 49 15.62 7.50 -10.28
CA LEU A 49 15.67 8.00 -11.63
C LEU A 49 14.52 7.36 -12.41
N SER A 50 13.67 8.18 -13.01
CA SER A 50 12.47 7.70 -13.69
C SER A 50 12.55 8.12 -15.16
N LEU A 51 12.58 7.13 -16.04
CA LEU A 51 12.60 7.41 -17.48
C LEU A 51 11.33 8.10 -17.91
N ASP A 52 11.46 9.29 -18.49
CA ASP A 52 10.31 10.11 -18.87
C ASP A 52 10.48 10.58 -20.31
N PRO A 53 9.63 10.13 -21.23
CA PRO A 53 9.75 10.58 -22.63
C PRO A 53 9.52 12.07 -22.82
N GLN A 54 8.91 12.74 -21.85
CA GLN A 54 8.66 14.18 -21.93
C GLN A 54 9.88 15.01 -21.52
N ARG A 55 10.88 14.40 -20.90
CA ARG A 55 12.02 15.14 -20.38
C ARG A 55 12.95 15.53 -21.52
N ARG A 56 13.23 16.83 -21.63
CA ARG A 56 14.25 17.34 -22.51
C ARG A 56 15.46 17.79 -21.71
N VAL A 57 16.60 17.82 -22.38
CA VAL A 57 17.81 18.40 -21.79
C VAL A 57 17.59 19.91 -21.71
N THR A 58 17.51 20.44 -20.50
CA THR A 58 17.05 21.81 -20.29
C THR A 58 18.22 22.72 -19.95
N PRO A 59 18.51 23.73 -20.75
CA PRO A 59 19.57 24.66 -20.40
C PRO A 59 19.27 25.37 -19.10
N PRO A 60 20.29 25.77 -18.34
CA PRO A 60 20.03 26.37 -17.02
C PRO A 60 19.29 27.70 -17.07
N GLU A 61 19.45 28.47 -18.15
CA GLU A 61 18.72 29.72 -18.28
C GLU A 61 17.22 29.50 -18.48
N GLU A 62 16.81 28.30 -18.87
CA GLU A 62 15.42 28.00 -19.19
C GLU A 62 14.68 27.27 -18.07
N SER A 63 15.33 27.04 -16.93
CA SER A 63 14.67 26.47 -15.77
C SER A 63 14.78 27.44 -14.61
N ASP A 64 13.88 27.30 -13.65
CA ASP A 64 13.87 28.21 -12.50
C ASP A 64 14.93 27.75 -11.49
N TYR A 65 14.87 28.33 -10.29
CA TYR A 65 15.93 28.15 -9.30
C TYR A 65 15.80 26.85 -8.50
N THR A 66 14.75 26.06 -8.72
CA THR A 66 14.60 24.79 -8.02
C THR A 66 15.83 23.92 -8.24
N HIS A 67 16.41 23.43 -7.14
CA HIS A 67 17.62 22.63 -7.26
C HIS A 67 17.76 21.75 -6.02
N TYR A 68 18.71 20.81 -6.11
CA TYR A 68 18.89 19.76 -5.10
C TYR A 68 20.35 19.74 -4.69
N ALA A 69 20.60 19.91 -3.40
CA ALA A 69 21.95 20.03 -2.86
C ALA A 69 22.33 18.78 -2.07
N PHE A 70 23.53 18.28 -2.33
CA PHE A 70 24.07 17.11 -1.64
C PHE A 70 25.15 17.58 -0.68
N SER A 71 25.24 16.92 0.47
CA SER A 71 26.24 17.28 1.47
C SER A 71 27.61 16.75 1.08
N ILE A 72 28.63 17.55 1.31
CA ILE A 72 30.01 17.16 1.09
C ILE A 72 30.87 17.83 2.13
N SER A 73 31.95 17.16 2.52
CA SER A 73 32.87 17.71 3.49
C SER A 73 33.68 18.85 2.88
N GLU A 74 34.17 19.73 3.76
CA GLU A 74 35.07 20.78 3.31
C GLU A 74 36.34 20.19 2.72
N ALA A 75 36.79 19.06 3.26
CA ALA A 75 38.03 18.43 2.80
C ALA A 75 37.90 17.83 1.41
N ASP A 76 36.71 17.38 1.04
CA ASP A 76 36.48 16.77 -0.26
C ASP A 76 36.02 17.75 -1.32
N PHE A 77 35.67 18.98 -0.91
CA PHE A 77 34.98 19.90 -1.81
C PHE A 77 35.80 20.17 -3.07
N ALA A 78 37.07 20.54 -2.91
CA ALA A 78 37.87 20.97 -4.06
C ALA A 78 38.10 19.82 -5.03
N SER A 79 38.47 18.63 -4.53
CA SER A 79 38.75 17.51 -5.41
C SER A 79 37.50 17.01 -6.11
N PHE A 80 36.35 17.07 -5.45
CA PHE A 80 35.11 16.62 -6.09
C PHE A 80 34.69 17.61 -7.17
N ALA A 81 34.89 18.91 -6.94
CA ALA A 81 34.64 19.90 -7.97
C ALA A 81 35.58 19.70 -9.16
N ALA A 82 36.85 19.38 -8.89
CA ALA A 82 37.79 19.13 -9.98
C ALA A 82 37.41 17.88 -10.76
N ARG A 83 36.95 16.84 -10.05
CA ARG A 83 36.44 15.65 -10.72
C ARG A 83 35.31 16.00 -11.67
N LEU A 84 34.34 16.78 -11.19
CA LEU A 84 33.24 17.23 -12.06
C LEU A 84 33.76 18.06 -13.21
N GLU A 85 34.75 18.91 -12.95
CA GLU A 85 35.31 19.76 -14.01
C GLU A 85 36.03 18.92 -15.06
N ALA A 86 36.76 17.89 -14.62
CA ALA A 86 37.44 17.03 -15.58
C ALA A 86 36.44 16.32 -16.49
N ALA A 87 35.29 15.93 -15.94
CA ALA A 87 34.25 15.25 -16.72
C ALA A 87 33.44 16.19 -17.59
N GLY A 88 33.75 17.49 -17.60
CA GLY A 88 33.01 18.41 -18.44
C GLY A 88 31.63 18.78 -17.93
N VAL A 89 31.38 18.63 -16.64
CA VAL A 89 30.06 18.93 -16.07
C VAL A 89 29.88 20.44 -15.98
N ALA A 90 28.77 20.92 -16.53
CA ALA A 90 28.52 22.36 -16.60
C ALA A 90 28.19 22.93 -15.22
N VAL A 91 28.60 24.18 -15.01
CA VAL A 91 28.32 24.94 -13.80
C VAL A 91 27.27 25.98 -14.15
N TRP A 92 26.22 26.05 -13.33
CA TRP A 92 25.13 26.99 -13.62
C TRP A 92 25.10 28.20 -12.70
N LYS A 93 25.96 28.27 -11.69
CA LYS A 93 25.96 29.38 -10.74
C LYS A 93 27.26 29.39 -9.97
N LEU A 94 27.69 30.57 -9.53
CA LEU A 94 28.85 30.73 -8.67
C LEU A 94 28.37 31.11 -7.27
N ASN A 95 29.00 30.53 -6.26
CA ASN A 95 28.50 30.65 -4.89
C ASN A 95 28.62 32.09 -4.37
N ARG A 96 27.56 32.54 -3.69
CA ARG A 96 27.61 33.82 -2.98
C ARG A 96 27.01 33.70 -1.58
N SER A 97 26.78 32.50 -1.08
CA SER A 97 26.14 32.28 0.21
C SER A 97 27.13 31.65 1.18
N GLU A 98 26.73 31.67 2.46
CA GLU A 98 27.53 31.07 3.52
C GLU A 98 27.81 29.60 3.21
N GLY A 99 29.03 29.17 3.53
CA GLY A 99 29.45 27.82 3.23
C GLY A 99 29.87 27.65 1.78
N ALA A 100 30.60 26.57 1.52
CA ALA A 100 31.08 26.30 0.18
C ALA A 100 29.99 25.62 -0.64
N SER A 101 29.78 26.11 -1.85
CA SER A 101 28.78 25.53 -2.74
C SER A 101 29.35 25.44 -4.15
N HIS A 102 29.03 24.34 -4.84
CA HIS A 102 29.37 24.13 -6.24
C HIS A 102 28.09 23.77 -6.97
N TYR A 103 27.70 24.59 -7.93
CA TYR A 103 26.43 24.44 -8.62
C TYR A 103 26.66 23.83 -9.99
N PHE A 104 26.15 22.62 -10.20
CA PHE A 104 26.42 21.87 -11.42
C PHE A 104 25.14 21.23 -11.94
N LEU A 105 25.17 20.84 -13.21
CA LEU A 105 24.01 20.31 -13.91
C LEU A 105 24.17 18.81 -14.15
N ASP A 106 23.04 18.08 -14.08
CA ASP A 106 23.09 16.65 -14.40
C ASP A 106 22.87 16.50 -15.91
N PRO A 107 22.93 15.29 -16.48
CA PRO A 107 22.83 15.18 -17.95
C PRO A 107 21.57 15.78 -18.55
N ASP A 108 20.48 15.87 -17.80
CA ASP A 108 19.25 16.45 -18.32
C ASP A 108 19.07 17.91 -17.94
N GLY A 109 20.03 18.51 -17.25
CA GLY A 109 19.89 19.88 -16.82
C GLY A 109 19.22 20.07 -15.48
N HIS A 110 18.95 19.00 -14.74
CA HIS A 110 18.54 19.16 -13.36
C HIS A 110 19.62 19.92 -12.61
N LYS A 111 19.23 20.97 -11.91
CA LYS A 111 20.20 21.80 -11.20
C LYS A 111 20.56 21.13 -9.88
N LEU A 112 21.86 20.87 -9.70
CA LEU A 112 22.37 20.20 -8.53
C LEU A 112 23.36 21.12 -7.82
N GLU A 113 23.77 20.70 -6.62
CA GLU A 113 24.67 21.52 -5.81
C GLU A 113 25.40 20.61 -4.83
N LEU A 114 26.69 20.87 -4.67
CA LEU A 114 27.46 20.36 -3.53
C LEU A 114 27.53 21.48 -2.51
N HIS A 115 27.25 21.16 -1.24
CA HIS A 115 27.26 22.21 -0.22
C HIS A 115 27.94 21.72 1.05
N VAL A 116 28.81 22.56 1.58
CA VAL A 116 29.43 22.37 2.89
C VAL A 116 28.68 23.26 3.87
N GLY A 117 27.98 22.66 4.83
CA GLY A 117 27.29 23.42 5.85
C GLY A 117 25.87 22.97 6.13
N SER A 118 25.46 23.12 7.39
CA SER A 118 24.14 22.71 7.84
C SER A 118 23.18 23.89 7.91
N LEU A 119 21.91 23.57 8.18
CA LEU A 119 20.92 24.63 8.40
C LEU A 119 21.27 25.45 9.63
N ALA A 120 21.73 24.79 10.70
CA ALA A 120 22.09 25.51 11.92
C ALA A 120 23.23 26.50 11.66
N GLN A 121 24.22 26.11 10.86
CA GLN A 121 25.31 27.03 10.55
C GLN A 121 24.83 28.19 9.69
N ARG A 122 23.92 27.91 8.75
CA ARG A 122 23.38 28.98 7.92
C ARG A 122 22.55 29.97 8.74
N LEU A 123 21.73 29.46 9.66
CA LEU A 123 20.92 30.34 10.50
C LEU A 123 21.80 31.22 11.37
N ALA A 124 22.87 30.66 11.95
CA ALA A 124 23.76 31.43 12.80
C ALA A 124 24.44 32.55 12.01
N ALA A 125 24.94 32.23 10.81
CA ALA A 125 25.53 33.26 9.97
C ALA A 125 24.51 34.34 9.61
N CYS A 126 23.28 33.92 9.33
CA CYS A 126 22.22 34.87 8.97
C CYS A 126 21.86 35.77 10.15
N ARG A 127 21.91 35.24 11.38
CA ARG A 127 21.69 36.09 12.55
C ARG A 127 22.70 37.23 12.59
N GLU A 128 23.90 36.99 12.08
CA GLU A 128 24.94 38.00 12.15
C GLU A 128 24.85 38.97 10.98
N GLN A 129 24.43 38.47 9.82
CA GLN A 129 24.27 39.29 8.63
C GLN A 129 22.97 38.88 7.96
N PRO A 130 21.83 39.40 8.43
CA PRO A 130 20.54 38.93 7.91
C PRO A 130 20.31 39.34 6.47
N TYR A 131 19.52 38.52 5.77
CA TYR A 131 18.97 38.91 4.49
C TYR A 131 17.97 40.04 4.69
N LYS A 132 17.67 40.75 3.59
CA LYS A 132 16.74 41.87 3.68
C LYS A 132 15.39 41.38 4.19
N GLY A 133 14.92 42.00 5.26
CA GLY A 133 13.61 41.66 5.82
C GLY A 133 13.57 40.36 6.59
N MET A 134 14.71 39.90 7.12
CA MET A 134 14.76 38.58 7.74
C MET A 134 14.14 38.59 9.13
N VAL A 135 13.32 37.57 9.40
CA VAL A 135 12.68 37.36 10.69
C VAL A 135 12.94 35.92 11.10
N PHE A 136 13.30 35.72 12.37
CA PHE A 136 13.59 34.39 12.88
C PHE A 136 12.46 33.91 13.79
N PHE A 137 12.23 32.60 13.80
CA PHE A 137 11.14 31.99 14.55
C PHE A 137 11.69 30.89 15.45
N GLU A 138 11.32 30.93 16.72
CA GLU A 138 11.70 29.89 17.67
C GLU A 138 10.47 29.19 18.24
N MET B 1 33.33 12.40 -1.23
CA MET B 1 32.21 11.47 -1.13
C MET B 1 30.99 12.16 -0.55
N LEU B 2 29.86 12.07 -1.27
CA LEU B 2 28.63 12.73 -0.85
C LEU B 2 27.98 11.92 0.27
N SER B 3 27.47 12.62 1.28
CA SER B 3 26.95 11.97 2.47
C SER B 3 25.43 12.01 2.61
N GLY B 4 24.74 12.67 1.70
CA GLY B 4 23.28 12.72 1.77
C GLY B 4 22.77 13.99 1.12
N LEU B 5 21.46 14.19 1.25
CA LEU B 5 20.84 15.41 0.74
C LEU B 5 21.09 16.54 1.73
N ASN B 6 21.76 17.60 1.28
CA ASN B 6 22.01 18.73 2.16
C ASN B 6 20.76 19.58 2.32
N HIS B 7 20.13 19.96 1.22
CA HIS B 7 18.87 20.68 1.29
C HIS B 7 18.15 20.59 -0.04
N LEU B 8 16.85 20.85 0.02
CA LEU B 8 16.00 20.95 -1.16
C LEU B 8 15.55 22.40 -1.27
N THR B 9 15.75 23.00 -2.44
CA THR B 9 15.35 24.38 -2.68
C THR B 9 14.28 24.40 -3.76
N LEU B 10 13.13 24.98 -3.45
CA LEU B 10 12.03 25.10 -4.39
C LEU B 10 11.84 26.56 -4.77
N ALA B 11 11.81 26.83 -6.07
CA ALA B 11 11.48 28.16 -6.56
C ALA B 11 9.98 28.38 -6.43
N VAL B 12 9.59 29.51 -5.83
CA VAL B 12 8.18 29.81 -5.59
C VAL B 12 7.85 31.16 -6.20
N SER B 13 6.61 31.30 -6.67
CA SER B 13 6.17 32.55 -7.26
C SER B 13 5.67 33.56 -6.23
N GLN B 14 5.04 33.08 -5.16
CA GLN B 14 4.57 33.93 -4.07
C GLN B 14 5.01 33.32 -2.76
N LEU B 15 5.82 34.07 -2.00
CA LEU B 15 6.45 33.50 -0.81
C LEU B 15 5.42 33.15 0.26
N ALA B 16 4.48 34.08 0.53
CA ALA B 16 3.55 33.87 1.64
C ALA B 16 2.67 32.64 1.46
N PRO B 17 2.00 32.42 0.32
CA PRO B 17 1.22 31.19 0.18
C PRO B 17 2.07 29.94 0.27
N SER B 18 3.31 29.98 -0.19
CA SER B 18 4.17 28.80 -0.13
C SER B 18 4.59 28.51 1.31
N VAL B 19 4.98 29.54 2.06
CA VAL B 19 5.33 29.33 3.47
C VAL B 19 4.12 28.78 4.23
N ALA B 20 2.94 29.33 3.97
CA ALA B 20 1.73 28.84 4.63
C ALA B 20 1.46 27.38 4.27
N PHE B 21 1.71 27.01 3.01
CA PHE B 21 1.46 25.64 2.58
C PHE B 21 2.35 24.65 3.34
N TYR B 22 3.65 24.92 3.39
CA TYR B 22 4.57 23.97 3.98
C TYR B 22 4.56 24.03 5.51
N GLN B 23 4.36 25.21 6.09
CA GLN B 23 4.34 25.32 7.54
C GLN B 23 2.98 24.98 8.12
N GLN B 24 1.93 25.68 7.66
CA GLN B 24 0.61 25.51 8.27
C GLN B 24 -0.04 24.19 7.86
N LEU B 25 -0.08 23.91 6.55
CA LEU B 25 -0.78 22.71 6.08
C LEU B 25 0.04 21.45 6.27
N LEU B 26 1.30 21.47 5.84
CA LEU B 26 2.14 20.27 5.96
C LEU B 26 2.79 20.14 7.33
N GLY B 27 2.76 21.18 8.15
CA GLY B 27 3.26 21.05 9.51
C GLY B 27 4.76 21.13 9.65
N MET B 28 5.48 21.61 8.65
CA MET B 28 6.93 21.73 8.75
C MET B 28 7.30 22.89 9.67
N THR B 29 8.53 22.83 10.20
CA THR B 29 9.01 23.81 11.16
C THR B 29 9.59 25.01 10.43
N LEU B 30 9.03 26.19 10.68
CA LEU B 30 9.51 27.42 10.08
C LEU B 30 10.61 28.02 10.96
N HIS B 31 11.81 28.13 10.41
CA HIS B 31 12.97 28.64 11.14
C HIS B 31 13.24 30.10 10.84
N ALA B 32 13.06 30.53 9.59
CA ALA B 32 13.36 31.91 9.23
C ALA B 32 12.63 32.24 7.93
N ARG B 33 12.49 33.54 7.70
CA ARG B 33 11.84 34.05 6.50
C ARG B 33 12.39 35.45 6.23
N TRP B 34 12.61 35.77 4.96
CA TRP B 34 13.06 37.11 4.57
C TRP B 34 12.29 37.50 3.31
N ASP B 35 12.63 38.66 2.74
CA ASP B 35 11.84 39.19 1.63
C ASP B 35 11.86 38.29 0.41
N SER B 36 12.88 37.44 0.27
CA SER B 36 13.02 36.61 -0.93
C SER B 36 13.12 35.13 -0.62
N GLY B 37 12.81 34.70 0.60
CA GLY B 37 12.89 33.27 0.86
C GLY B 37 12.50 32.92 2.28
N ALA B 38 12.58 31.62 2.57
CA ALA B 38 12.28 31.08 3.88
C ALA B 38 13.00 29.75 4.06
N TYR B 39 13.35 29.45 5.32
CA TYR B 39 13.95 28.19 5.69
C TYR B 39 12.97 27.40 6.56
N LEU B 40 12.72 26.17 6.17
CA LEU B 40 11.90 25.26 6.97
C LEU B 40 12.66 23.94 7.15
N SER B 41 12.22 23.16 8.13
CA SER B 41 12.77 21.84 8.34
C SER B 41 11.66 20.81 8.50
N CYS B 42 11.94 19.60 8.03
CA CYS B 42 11.00 18.47 8.09
C CYS B 42 11.87 17.27 8.50
N GLY B 43 11.91 17.00 9.80
CA GLY B 43 12.89 16.05 10.29
C GLY B 43 14.29 16.57 9.99
N ASP B 44 15.10 15.72 9.36
CA ASP B 44 16.43 16.11 8.94
C ASP B 44 16.43 16.96 7.67
N LEU B 45 15.31 17.04 6.96
CA LEU B 45 15.28 17.74 5.69
C LEU B 45 15.37 19.26 5.91
N TRP B 46 16.32 19.89 5.23
CA TRP B 46 16.42 21.34 5.15
C TRP B 46 15.71 21.77 3.86
N LEU B 47 14.63 22.52 4.01
CA LEU B 47 13.85 23.00 2.88
C LEU B 47 14.01 24.51 2.75
N CYS B 48 14.40 24.96 1.56
CA CYS B 48 14.47 26.38 1.26
C CYS B 48 13.42 26.71 0.21
N LEU B 49 12.55 27.65 0.53
CA LEU B 49 11.65 28.26 -0.44
C LEU B 49 12.31 29.54 -0.94
N SER B 50 12.51 29.65 -2.25
CA SER B 50 13.23 30.77 -2.84
C SER B 50 12.30 31.50 -3.80
N LEU B 51 12.01 32.77 -3.49
CA LEU B 51 11.18 33.58 -4.36
C LEU B 51 11.88 33.78 -5.69
N ASP B 52 11.22 33.37 -6.78
CA ASP B 52 11.83 33.38 -8.10
C ASP B 52 10.87 34.05 -9.07
N PRO B 53 11.22 35.20 -9.66
CA PRO B 53 10.34 35.81 -10.65
C PRO B 53 10.14 34.94 -11.88
N GLN B 54 11.02 33.95 -12.08
CA GLN B 54 10.93 33.05 -13.22
C GLN B 54 9.97 31.89 -12.99
N ARG B 55 9.52 31.65 -11.75
CA ARG B 55 8.65 30.52 -11.46
C ARG B 55 7.21 30.82 -11.86
N ARG B 56 6.61 29.88 -12.62
CA ARG B 56 5.20 29.95 -12.97
C ARG B 56 4.44 28.88 -12.20
N VAL B 57 3.18 29.18 -11.88
CA VAL B 57 2.26 28.15 -11.41
C VAL B 57 2.08 27.15 -12.55
N THR B 58 2.56 25.93 -12.36
CA THR B 58 2.67 24.98 -13.47
C THR B 58 1.65 23.87 -13.32
N PRO B 59 0.73 23.71 -14.28
CA PRO B 59 -0.19 22.57 -14.22
C PRO B 59 0.57 21.26 -14.31
N PRO B 60 -0.01 20.18 -13.77
CA PRO B 60 0.74 18.91 -13.73
C PRO B 60 1.08 18.32 -15.10
N GLU B 61 0.28 18.60 -16.15
CA GLU B 61 0.60 18.06 -17.48
C GLU B 61 1.82 18.73 -18.08
N GLU B 62 2.22 19.89 -17.54
CA GLU B 62 3.21 20.80 -18.10
C GLU B 62 4.58 20.59 -17.46
N SER B 63 4.69 19.70 -16.47
CA SER B 63 5.95 19.35 -15.86
C SER B 63 6.16 17.85 -15.99
N ASP B 64 7.41 17.43 -15.92
CA ASP B 64 7.72 16.01 -16.03
C ASP B 64 7.47 15.35 -14.68
N TYR B 65 7.95 14.12 -14.54
CA TYR B 65 7.63 13.27 -13.39
C TYR B 65 8.47 13.59 -12.16
N THR B 66 9.41 14.54 -12.25
CA THR B 66 10.22 14.92 -11.09
C THR B 66 9.31 15.32 -9.93
N HIS B 67 9.53 14.72 -8.76
CA HIS B 67 8.69 15.01 -7.61
C HIS B 67 9.44 14.69 -6.33
N TYR B 68 8.86 15.14 -5.21
CA TYR B 68 9.51 15.08 -3.90
C TYR B 68 8.54 14.44 -2.91
N ALA B 69 8.97 13.33 -2.30
CA ALA B 69 8.12 12.54 -1.42
C ALA B 69 8.55 12.72 0.03
N PHE B 70 7.58 12.93 0.91
CA PHE B 70 7.83 13.10 2.34
C PHE B 70 7.37 11.87 3.09
N SER B 71 8.12 11.52 4.14
CA SER B 71 7.81 10.35 4.95
C SER B 71 6.68 10.65 5.91
N ILE B 72 5.80 9.67 6.08
CA ILE B 72 4.70 9.75 7.04
C ILE B 72 4.47 8.35 7.59
N SER B 73 4.03 8.27 8.84
CA SER B 73 3.81 6.97 9.48
C SER B 73 2.59 6.28 8.88
N GLU B 74 2.56 4.95 9.05
CA GLU B 74 1.41 4.17 8.61
C GLU B 74 0.13 4.62 9.31
N ALA B 75 0.23 5.03 10.57
CA ALA B 75 -0.96 5.43 11.31
C ALA B 75 -1.48 6.80 10.86
N ASP B 76 -0.61 7.68 10.39
CA ASP B 76 -1.02 9.03 10.03
C ASP B 76 -1.35 9.20 8.56
N PHE B 77 -0.98 8.23 7.70
CA PHE B 77 -1.05 8.42 6.25
C PHE B 77 -2.47 8.72 5.79
N ALA B 78 -3.43 7.89 6.17
CA ALA B 78 -4.79 7.99 5.61
C ALA B 78 -5.48 9.29 6.02
N SER B 79 -5.40 9.66 7.30
CA SER B 79 -6.10 10.85 7.76
C SER B 79 -5.51 12.13 7.17
N PHE B 80 -4.19 12.16 6.98
CA PHE B 80 -3.57 13.34 6.39
C PHE B 80 -3.89 13.47 4.91
N ALA B 81 -3.91 12.35 4.17
CA ALA B 81 -4.29 12.42 2.77
C ALA B 81 -5.71 12.93 2.61
N ALA B 82 -6.61 12.49 3.50
CA ALA B 82 -7.98 13.01 3.48
C ALA B 82 -8.01 14.48 3.84
N ARG B 83 -7.17 14.89 4.80
CA ARG B 83 -7.12 16.30 5.18
C ARG B 83 -6.68 17.17 4.00
N LEU B 84 -5.72 16.69 3.21
CA LEU B 84 -5.25 17.48 2.07
C LEU B 84 -6.34 17.60 1.00
N GLU B 85 -7.03 16.51 0.70
CA GLU B 85 -8.10 16.58 -0.30
C GLU B 85 -9.28 17.40 0.20
N ALA B 86 -9.61 17.28 1.49
CA ALA B 86 -10.68 18.11 2.04
C ALA B 86 -10.31 19.59 1.96
N ALA B 87 -9.04 19.91 2.13
CA ALA B 87 -8.55 21.27 2.01
C ALA B 87 -8.44 21.74 0.56
N GLY B 88 -8.81 20.89 -0.39
CA GLY B 88 -8.77 21.26 -1.79
C GLY B 88 -7.41 21.18 -2.46
N VAL B 89 -6.48 20.42 -1.89
CA VAL B 89 -5.15 20.27 -2.49
C VAL B 89 -5.28 19.32 -3.68
N ALA B 90 -4.77 19.76 -4.83
CA ALA B 90 -4.92 18.99 -6.06
C ALA B 90 -4.08 17.71 -6.03
N VAL B 91 -4.62 16.67 -6.66
CA VAL B 91 -3.94 15.38 -6.81
C VAL B 91 -3.49 15.26 -8.26
N TRP B 92 -2.21 14.94 -8.48
CA TRP B 92 -1.67 14.85 -9.84
C TRP B 92 -1.46 13.41 -10.30
N LYS B 93 -1.69 12.42 -9.44
CA LYS B 93 -1.55 11.02 -9.84
C LYS B 93 -2.34 10.18 -8.85
N LEU B 94 -3.20 9.30 -9.38
CA LEU B 94 -3.98 8.35 -8.58
C LEU B 94 -3.67 6.93 -9.04
N ASN B 95 -3.05 6.14 -8.18
CA ASN B 95 -2.81 4.72 -8.46
C ASN B 95 -3.34 3.89 -7.31
N ARG B 96 -4.44 3.18 -7.55
CA ARG B 96 -5.05 2.35 -6.51
C ARG B 96 -4.06 1.32 -5.98
N SER B 97 -3.25 0.73 -6.88
CA SER B 97 -2.22 -0.20 -6.44
C SER B 97 -1.33 0.40 -5.36
N GLU B 98 -1.03 1.69 -5.48
CA GLU B 98 -0.06 2.35 -4.61
C GLU B 98 -0.78 2.97 -3.41
N GLY B 99 -1.28 2.11 -2.54
CA GLY B 99 -2.08 2.57 -1.43
C GLY B 99 -1.31 3.36 -0.39
N ALA B 100 0.00 3.13 -0.32
CA ALA B 100 0.87 3.83 0.64
C ALA B 100 1.39 5.18 0.12
N SER B 101 0.84 5.69 -0.98
CA SER B 101 1.32 6.95 -1.54
C SER B 101 0.16 7.86 -1.89
N HIS B 102 0.36 9.16 -1.65
CA HIS B 102 -0.60 10.19 -2.02
C HIS B 102 0.14 11.29 -2.77
N TYR B 103 -0.25 11.54 -4.01
CA TYR B 103 0.43 12.48 -4.90
C TYR B 103 -0.35 13.80 -4.97
N PHE B 104 0.26 14.87 -4.50
CA PHE B 104 -0.42 16.15 -4.42
C PHE B 104 0.50 17.28 -4.88
N LEU B 105 -0.10 18.43 -5.19
CA LEU B 105 0.59 19.57 -5.75
C LEU B 105 0.69 20.70 -4.73
N ASP B 106 1.81 21.43 -4.76
CA ASP B 106 1.98 22.60 -3.92
C ASP B 106 1.40 23.80 -4.67
N PRO B 107 1.37 25.01 -4.06
CA PRO B 107 0.74 26.15 -4.75
C PRO B 107 1.32 26.48 -6.11
N ASP B 108 2.59 26.17 -6.37
CA ASP B 108 3.21 26.46 -7.65
C ASP B 108 3.20 25.28 -8.61
N GLY B 109 2.61 24.16 -8.23
CA GLY B 109 2.61 22.98 -9.06
C GLY B 109 3.79 22.07 -8.87
N HIS B 110 4.65 22.32 -7.88
CA HIS B 110 5.66 21.35 -7.52
C HIS B 110 4.97 20.05 -7.14
N LYS B 111 5.41 18.95 -7.75
CA LYS B 111 4.78 17.66 -7.52
C LYS B 111 5.33 17.06 -6.23
N LEU B 112 4.43 16.77 -5.28
CA LEU B 112 4.78 16.25 -3.98
C LEU B 112 4.13 14.89 -3.78
N GLU B 113 4.52 14.23 -2.69
CA GLU B 113 4.03 12.89 -2.41
C GLU B 113 4.16 12.61 -0.92
N LEU B 114 3.14 11.96 -0.36
CA LEU B 114 3.25 11.31 0.94
C LEU B 114 3.51 9.84 0.69
N HIS B 115 4.50 9.28 1.38
CA HIS B 115 4.81 7.86 1.19
C HIS B 115 5.12 7.20 2.52
N VAL B 116 4.54 6.03 2.72
CA VAL B 116 4.87 5.16 3.85
C VAL B 116 5.77 4.06 3.33
N GLY B 117 7.01 4.02 3.83
CA GLY B 117 7.93 2.96 3.44
C GLY B 117 9.31 3.46 3.09
N SER B 118 10.31 2.63 3.37
CA SER B 118 11.71 2.95 3.11
C SER B 118 12.16 2.33 1.80
N LEU B 119 13.39 2.67 1.40
CA LEU B 119 13.97 2.05 0.22
C LEU B 119 14.11 0.55 0.40
N ALA B 120 14.57 0.11 1.58
CA ALA B 120 14.70 -1.32 1.84
C ALA B 120 13.37 -2.03 1.73
N GLN B 121 12.30 -1.42 2.23
CA GLN B 121 10.97 -2.03 2.12
C GLN B 121 10.50 -2.04 0.67
N ARG B 122 10.81 -1.00 -0.10
CA ARG B 122 10.45 -0.99 -1.50
C ARG B 122 11.20 -2.08 -2.28
N LEU B 123 12.49 -2.27 -1.98
CA LEU B 123 13.26 -3.30 -2.65
C LEU B 123 12.70 -4.69 -2.34
N ALA B 124 12.32 -4.92 -1.08
CA ALA B 124 11.76 -6.22 -0.70
C ALA B 124 10.45 -6.49 -1.45
N ALA B 125 9.57 -5.49 -1.53
CA ALA B 125 8.35 -5.64 -2.30
C ALA B 125 8.65 -5.87 -3.77
N CYS B 126 9.65 -5.17 -4.30
CA CYS B 126 10.01 -5.33 -5.72
C CYS B 126 10.54 -6.72 -6.03
N ARG B 127 11.27 -7.34 -5.09
CA ARG B 127 11.73 -8.71 -5.33
C ARG B 127 10.55 -9.66 -5.47
N GLU B 128 9.43 -9.35 -4.82
CA GLU B 128 8.25 -10.20 -4.88
C GLU B 128 7.44 -9.96 -6.16
N GLN B 129 7.39 -8.72 -6.62
CA GLN B 129 6.73 -8.38 -7.89
C GLN B 129 7.60 -7.37 -8.63
N PRO B 130 8.60 -7.85 -9.37
CA PRO B 130 9.56 -6.93 -10.00
C PRO B 130 8.94 -6.10 -11.11
N TYR B 131 9.51 -4.92 -11.30
CA TYR B 131 9.23 -4.15 -12.51
C TYR B 131 9.86 -4.86 -13.71
N LYS B 132 9.37 -4.52 -14.90
CA LYS B 132 9.84 -5.18 -16.12
C LYS B 132 11.35 -5.00 -16.30
N GLY B 133 12.06 -6.11 -16.44
CA GLY B 133 13.50 -6.06 -16.65
C GLY B 133 14.32 -5.71 -15.43
N MET B 134 13.78 -5.94 -14.23
CA MET B 134 14.42 -5.45 -13.02
C MET B 134 15.63 -6.30 -12.65
N VAL B 135 16.70 -5.62 -12.23
CA VAL B 135 17.91 -6.26 -11.74
C VAL B 135 18.28 -5.63 -10.40
N PHE B 136 18.64 -6.48 -9.45
CA PHE B 136 19.03 -6.05 -8.11
C PHE B 136 20.53 -6.21 -7.91
N PHE B 137 21.12 -5.34 -7.10
CA PHE B 137 22.55 -5.31 -6.83
C PHE B 137 22.75 -5.39 -5.31
N GLU B 138 23.14 -6.54 -4.77
CA GLU B 138 23.36 -6.65 -3.32
C GLU B 138 24.64 -5.90 -2.92
N MET C 1 -16.62 -31.53 -7.45
CA MET C 1 -17.68 -30.79 -8.10
C MET C 1 -18.27 -29.72 -7.16
N LEU C 2 -17.39 -28.86 -6.68
CA LEU C 2 -17.84 -27.73 -5.88
C LEU C 2 -18.27 -26.61 -6.82
N SER C 3 -19.40 -25.98 -6.50
CA SER C 3 -19.99 -24.99 -7.39
C SER C 3 -19.83 -23.56 -6.90
N GLY C 4 -19.23 -23.36 -5.74
CA GLY C 4 -19.01 -22.04 -5.21
C GLY C 4 -18.96 -22.09 -3.70
N LEU C 5 -18.87 -20.91 -3.10
CA LEU C 5 -18.91 -20.80 -1.65
C LEU C 5 -20.36 -20.89 -1.18
N ASN C 6 -20.66 -21.89 -0.35
CA ASN C 6 -22.02 -22.02 0.17
C ASN C 6 -22.28 -20.99 1.25
N HIS C 7 -21.40 -20.89 2.24
CA HIS C 7 -21.54 -19.85 3.25
C HIS C 7 -20.21 -19.65 3.96
N LEU C 8 -20.09 -18.49 4.60
CA LEU C 8 -18.98 -18.14 5.46
C LEU C 8 -19.50 -18.03 6.89
N THR C 9 -18.86 -18.75 7.81
CA THR C 9 -19.25 -18.74 9.21
C THR C 9 -18.12 -18.17 10.04
N LEU C 10 -18.42 -17.11 10.80
CA LEU C 10 -17.44 -16.46 11.66
C LEU C 10 -17.79 -16.72 13.12
N ALA C 11 -16.82 -17.20 13.88
CA ALA C 11 -16.97 -17.34 15.32
C ALA C 11 -16.90 -15.96 15.96
N VAL C 12 -17.86 -15.64 16.80
CA VAL C 12 -17.92 -14.33 17.45
C VAL C 12 -17.99 -14.52 18.96
N SER C 13 -17.40 -13.57 19.68
CA SER C 13 -17.43 -13.64 21.14
C SER C 13 -18.70 -13.02 21.72
N GLN C 14 -19.22 -11.97 21.09
CA GLN C 14 -20.47 -11.33 21.51
C GLN C 14 -21.34 -11.11 20.30
N LEU C 15 -22.54 -11.69 20.32
CA LEU C 15 -23.41 -11.67 19.13
C LEU C 15 -23.87 -10.25 18.79
N ALA C 16 -24.29 -9.48 19.80
CA ALA C 16 -24.87 -8.17 19.52
C ALA C 16 -23.89 -7.22 18.85
N PRO C 17 -22.65 -7.03 19.33
CA PRO C 17 -21.73 -6.15 18.58
C PRO C 17 -21.43 -6.64 17.18
N SER C 18 -21.38 -7.95 16.95
CA SER C 18 -21.11 -8.46 15.62
C SER C 18 -22.29 -8.21 14.68
N VAL C 19 -23.52 -8.43 15.17
CA VAL C 19 -24.69 -8.13 14.34
C VAL C 19 -24.73 -6.66 13.98
N ALA C 20 -24.45 -5.78 14.94
CA ALA C 20 -24.45 -4.35 14.65
C ALA C 20 -23.39 -4.00 13.62
N PHE C 21 -22.22 -4.64 13.71
CA PHE C 21 -21.14 -4.35 12.77
C PHE C 21 -21.52 -4.75 11.35
N TYR C 22 -22.00 -5.98 11.16
CA TYR C 22 -22.27 -6.46 9.81
C TYR C 22 -23.59 -5.95 9.25
N GLN C 23 -24.62 -5.79 10.08
CA GLN C 23 -25.90 -5.32 9.56
C GLN C 23 -25.93 -3.81 9.43
N GLN C 24 -25.60 -3.09 10.49
CA GLN C 24 -25.82 -1.65 10.46
C GLN C 24 -24.64 -0.91 9.83
N LEU C 25 -23.43 -1.22 10.27
CA LEU C 25 -22.27 -0.52 9.72
C LEU C 25 -21.99 -0.96 8.29
N LEU C 26 -21.92 -2.27 8.05
CA LEU C 26 -21.62 -2.77 6.71
C LEU C 26 -22.86 -2.88 5.82
N GLY C 27 -24.06 -2.75 6.37
CA GLY C 27 -25.25 -2.74 5.54
C GLY C 27 -25.73 -4.08 5.06
N MET C 28 -25.27 -5.18 5.66
CA MET C 28 -25.76 -6.48 5.23
C MET C 28 -27.19 -6.71 5.71
N THR C 29 -27.88 -7.61 5.01
CA THR C 29 -29.28 -7.91 5.30
C THR C 29 -29.35 -8.98 6.39
N LEU C 30 -30.02 -8.65 7.49
CA LEU C 30 -30.22 -9.59 8.59
C LEU C 30 -31.48 -10.40 8.35
N HIS C 31 -31.33 -11.73 8.21
CA HIS C 31 -32.46 -12.61 7.93
C HIS C 31 -33.00 -13.31 9.17
N ALA C 32 -32.14 -13.69 10.10
CA ALA C 32 -32.61 -14.39 11.29
C ALA C 32 -31.55 -14.26 12.37
N ARG C 33 -31.98 -14.49 13.60
CA ARG C 33 -31.10 -14.42 14.76
C ARG C 33 -31.66 -15.31 15.86
N TRP C 34 -30.77 -15.99 16.58
CA TRP C 34 -31.16 -16.81 17.71
C TRP C 34 -30.15 -16.58 18.83
N ASP C 35 -30.28 -17.35 19.91
CA ASP C 35 -29.48 -17.11 21.11
C ASP C 35 -27.98 -17.30 20.85
N SER C 36 -27.62 -18.09 19.85
CA SER C 36 -26.21 -18.40 19.61
C SER C 36 -25.75 -18.08 18.20
N GLY C 37 -26.51 -17.30 17.42
CA GLY C 37 -26.04 -16.98 16.09
C GLY C 37 -26.99 -16.06 15.35
N ALA C 38 -26.60 -15.78 14.10
CA ALA C 38 -27.38 -14.93 13.22
C ALA C 38 -27.03 -15.28 11.77
N TYR C 39 -28.01 -15.10 10.89
CA TYR C 39 -27.82 -15.27 9.45
C TYR C 39 -27.95 -13.91 8.77
N LEU C 40 -26.95 -13.55 7.98
CA LEU C 40 -26.99 -12.35 7.17
C LEU C 40 -26.66 -12.71 5.73
N SER C 41 -27.00 -11.80 4.82
CA SER C 41 -26.64 -11.96 3.42
C SER C 41 -26.03 -10.67 2.90
N CYS C 42 -25.10 -10.83 1.97
CA CYS C 42 -24.39 -9.74 1.32
C CYS C 42 -24.30 -10.11 -0.15
N GLY C 43 -25.25 -9.64 -0.95
CA GLY C 43 -25.38 -10.17 -2.30
C GLY C 43 -25.69 -11.65 -2.22
N ASP C 44 -24.93 -12.45 -2.97
CA ASP C 44 -25.08 -13.90 -2.92
C ASP C 44 -24.45 -14.53 -1.67
N LEU C 45 -23.65 -13.78 -0.92
CA LEU C 45 -22.94 -14.35 0.20
C LEU C 45 -23.90 -14.68 1.35
N TRP C 46 -23.85 -15.92 1.82
CA TRP C 46 -24.51 -16.33 3.04
C TRP C 46 -23.51 -16.24 4.18
N LEU C 47 -23.75 -15.34 5.13
CA LEU C 47 -22.87 -15.13 6.26
C LEU C 47 -23.56 -15.61 7.53
N CYS C 48 -22.88 -16.47 8.28
CA CYS C 48 -23.36 -16.93 9.58
C CYS C 48 -22.41 -16.43 10.66
N LEU C 49 -22.95 -15.70 11.63
CA LEU C 49 -22.24 -15.38 12.85
C LEU C 49 -22.60 -16.43 13.89
N SER C 50 -21.59 -17.10 14.44
CA SER C 50 -21.80 -18.20 15.37
C SER C 50 -21.17 -17.84 16.71
N LEU C 51 -22.00 -17.72 17.74
CA LEU C 51 -21.49 -17.43 19.08
C LEU C 51 -20.61 -18.59 19.55
N ASP C 52 -19.36 -18.28 19.87
CA ASP C 52 -18.36 -19.29 20.23
C ASP C 52 -17.65 -18.85 21.50
N PRO C 53 -17.81 -19.56 22.62
CA PRO C 53 -17.10 -19.17 23.84
C PRO C 53 -15.59 -19.26 23.71
N GLN C 54 -15.07 -19.97 22.72
CA GLN C 54 -13.64 -20.07 22.51
C GLN C 54 -13.10 -18.86 21.73
N ARG C 55 -13.96 -18.08 21.11
CA ARG C 55 -13.52 -16.92 20.32
C ARG C 55 -13.17 -15.77 21.25
N ARG C 56 -12.04 -15.13 20.97
CA ARG C 56 -11.62 -13.95 21.71
C ARG C 56 -11.27 -12.84 20.73
N VAL C 57 -11.40 -11.60 21.19
CA VAL C 57 -11.01 -10.44 20.39
C VAL C 57 -9.51 -10.55 20.17
N THR C 58 -9.11 -10.80 18.92
CA THR C 58 -7.74 -11.16 18.60
C THR C 58 -7.05 -10.00 17.92
N PRO C 59 -5.96 -9.47 18.49
CA PRO C 59 -5.23 -8.40 17.82
C PRO C 59 -4.67 -8.91 16.50
N PRO C 60 -4.46 -8.01 15.53
CA PRO C 60 -3.98 -8.48 14.22
C PRO C 60 -2.61 -9.12 14.28
N GLU C 61 -1.78 -8.75 15.27
CA GLU C 61 -0.48 -9.39 15.40
C GLU C 61 -0.59 -10.85 15.84
N GLU C 62 -1.73 -11.22 16.42
CA GLU C 62 -1.94 -12.56 16.97
C GLU C 62 -2.77 -13.47 16.06
N SER C 63 -3.07 -13.01 14.84
CA SER C 63 -3.67 -13.84 13.80
C SER C 63 -2.81 -13.81 12.55
N ASP C 64 -2.95 -14.83 11.71
CA ASP C 64 -2.20 -14.90 10.47
C ASP C 64 -2.91 -14.07 9.39
N TYR C 65 -2.50 -14.25 8.14
CA TYR C 65 -2.96 -13.41 7.03
C TYR C 65 -4.32 -13.81 6.47
N THR C 66 -4.92 -14.88 6.97
CA THR C 66 -6.24 -15.29 6.49
C THR C 66 -7.24 -14.14 6.64
N HIS C 67 -7.94 -13.81 5.55
CA HIS C 67 -8.87 -12.69 5.60
C HIS C 67 -9.95 -12.86 4.53
N TYR C 68 -10.98 -12.01 4.63
CA TYR C 68 -12.18 -12.11 3.83
C TYR C 68 -12.46 -10.76 3.19
N ALA C 69 -12.55 -10.74 1.87
CA ALA C 69 -12.71 -9.49 1.11
C ALA C 69 -14.11 -9.40 0.54
N PHE C 70 -14.73 -8.24 0.69
CA PHE C 70 -16.07 -7.98 0.16
C PHE C 70 -15.98 -7.06 -1.05
N SER C 71 -16.85 -7.29 -2.02
CA SER C 71 -16.88 -6.50 -3.23
C SER C 71 -17.59 -5.17 -3.00
N ILE C 72 -17.04 -4.11 -3.60
CA ILE C 72 -17.65 -2.80 -3.56
C ILE C 72 -17.33 -2.09 -4.86
N SER C 73 -18.23 -1.24 -5.32
CA SER C 73 -17.97 -0.49 -6.55
C SER C 73 -16.90 0.56 -6.28
N GLU C 74 -16.20 0.94 -7.35
CA GLU C 74 -15.20 1.99 -7.20
C GLU C 74 -15.82 3.31 -6.78
N ALA C 75 -17.05 3.59 -7.19
CA ALA C 75 -17.68 4.85 -6.84
C ALA C 75 -18.03 4.91 -5.37
N ASP C 76 -18.27 3.76 -4.75
CA ASP C 76 -18.66 3.71 -3.34
C ASP C 76 -17.47 3.55 -2.41
N PHE C 77 -16.29 3.24 -2.94
CA PHE C 77 -15.15 2.83 -2.12
C PHE C 77 -14.77 3.90 -1.11
N ALA C 78 -14.58 5.15 -1.57
CA ALA C 78 -14.05 6.18 -0.69
C ALA C 78 -15.02 6.50 0.44
N SER C 79 -16.31 6.64 0.13
CA SER C 79 -17.28 7.00 1.16
C SER C 79 -17.47 5.86 2.15
N PHE C 80 -17.40 4.61 1.70
CA PHE C 80 -17.56 3.49 2.62
C PHE C 80 -16.35 3.37 3.53
N ALA C 81 -15.15 3.60 2.99
CA ALA C 81 -13.96 3.63 3.83
C ALA C 81 -14.02 4.78 4.84
N ALA C 82 -14.54 5.93 4.42
CA ALA C 82 -14.71 7.05 5.33
C ALA C 82 -15.74 6.73 6.41
N ARG C 83 -16.78 5.99 6.05
CA ARG C 83 -17.74 5.52 7.04
C ARG C 83 -17.06 4.66 8.09
N LEU C 84 -16.25 3.70 7.65
CA LEU C 84 -15.50 2.85 8.58
C LEU C 84 -14.55 3.67 9.43
N GLU C 85 -13.90 4.67 8.84
CA GLU C 85 -12.98 5.51 9.60
C GLU C 85 -13.75 6.33 10.64
N ALA C 86 -14.93 6.82 10.29
CA ALA C 86 -15.73 7.57 11.25
C ALA C 86 -16.14 6.71 12.43
N ALA C 87 -16.44 5.44 12.18
CA ALA C 87 -16.83 4.52 13.25
C ALA C 87 -15.64 4.03 14.08
N GLY C 88 -14.43 4.45 13.77
CA GLY C 88 -13.29 4.02 14.57
C GLY C 88 -12.83 2.61 14.27
N VAL C 89 -13.16 2.08 13.10
CA VAL C 89 -12.78 0.71 12.75
C VAL C 89 -11.29 0.66 12.43
N ALA C 90 -10.59 -0.26 13.08
CA ALA C 90 -9.14 -0.34 12.93
C ALA C 90 -8.74 -0.86 11.55
N VAL C 91 -7.63 -0.34 11.05
CA VAL C 91 -7.02 -0.76 9.79
C VAL C 91 -5.80 -1.61 10.12
N TRP C 92 -5.70 -2.79 9.50
CA TRP C 92 -4.60 -3.68 9.78
C TRP C 92 -3.56 -3.74 8.65
N LYS C 93 -3.80 -3.08 7.53
CA LYS C 93 -2.88 -3.14 6.41
C LYS C 93 -3.19 -2.01 5.43
N LEU C 94 -2.15 -1.52 4.74
CA LEU C 94 -2.31 -0.54 3.67
C LEU C 94 -2.12 -1.24 2.34
N ASN C 95 -2.93 -0.87 1.36
CA ASN C 95 -2.94 -1.60 0.09
C ASN C 95 -1.64 -1.42 -0.66
N ARG C 96 -1.17 -2.51 -1.27
CA ARG C 96 -0.01 -2.45 -2.14
C ARG C 96 -0.19 -3.31 -3.39
N SER C 97 -1.41 -3.75 -3.70
CA SER C 97 -1.67 -4.63 -4.83
C SER C 97 -2.69 -3.98 -5.77
N GLU C 98 -2.94 -4.66 -6.88
CA GLU C 98 -3.80 -4.13 -7.94
C GLU C 98 -5.23 -3.94 -7.44
N GLY C 99 -5.81 -2.79 -7.78
CA GLY C 99 -7.16 -2.49 -7.36
C GLY C 99 -7.21 -1.87 -5.97
N ALA C 100 -8.29 -1.13 -5.72
CA ALA C 100 -8.42 -0.42 -4.46
C ALA C 100 -8.83 -1.40 -3.36
N SER C 101 -8.12 -1.35 -2.25
CA SER C 101 -8.38 -2.23 -1.12
C SER C 101 -8.32 -1.43 0.18
N HIS C 102 -9.20 -1.77 1.11
CA HIS C 102 -9.22 -1.22 2.46
C HIS C 102 -9.26 -2.39 3.42
N TYR C 103 -8.25 -2.51 4.27
CA TYR C 103 -8.10 -3.65 5.17
C TYR C 103 -8.53 -3.23 6.58
N PHE C 104 -9.60 -3.85 7.08
CA PHE C 104 -10.16 -3.44 8.36
C PHE C 104 -10.54 -4.67 9.18
N LEU C 105 -10.73 -4.44 10.48
CA LEU C 105 -10.96 -5.49 11.46
C LEU C 105 -12.41 -5.46 11.95
N ASP C 106 -12.97 -6.64 12.21
CA ASP C 106 -14.30 -6.71 12.80
C ASP C 106 -14.17 -6.67 14.32
N PRO C 107 -15.30 -6.64 15.05
CA PRO C 107 -15.18 -6.50 16.52
C PRO C 107 -14.36 -7.58 17.19
N ASP C 108 -14.25 -8.77 16.60
CA ASP C 108 -13.47 -9.85 17.17
C ASP C 108 -12.07 -9.96 16.59
N GLY C 109 -11.68 -9.04 15.70
CA GLY C 109 -10.38 -9.11 15.08
C GLY C 109 -10.30 -9.93 13.81
N HIS C 110 -11.44 -10.42 13.30
CA HIS C 110 -11.45 -11.02 11.98
C HIS C 110 -10.96 -10.02 10.95
N LYS C 111 -10.01 -10.45 10.13
CA LYS C 111 -9.42 -9.56 9.14
C LYS C 111 -10.32 -9.50 7.91
N LEU C 112 -10.77 -8.30 7.57
CA LEU C 112 -11.68 -8.06 6.48
C LEU C 112 -11.02 -7.13 5.46
N GLU C 113 -11.68 -6.99 4.32
CA GLU C 113 -11.15 -6.18 3.23
C GLU C 113 -12.30 -5.73 2.34
N LEU C 114 -12.24 -4.48 1.89
CA LEU C 114 -13.02 -4.00 0.77
C LEU C 114 -12.12 -4.00 -0.45
N HIS C 115 -12.60 -4.56 -1.57
CA HIS C 115 -11.76 -4.62 -2.76
C HIS C 115 -12.59 -4.28 -4.00
N VAL C 116 -12.02 -3.43 -4.85
CA VAL C 116 -12.57 -3.13 -6.16
C VAL C 116 -11.75 -3.93 -7.16
N GLY C 117 -12.38 -4.90 -7.83
CA GLY C 117 -11.72 -5.68 -8.85
C GLY C 117 -11.99 -7.17 -8.76
N SER C 118 -12.01 -7.83 -9.91
CA SER C 118 -12.28 -9.25 -10.02
C SER C 118 -11.00 -10.06 -10.15
N LEU C 119 -11.15 -11.39 -10.12
CA LEU C 119 -10.02 -12.27 -10.36
C LEU C 119 -9.47 -12.11 -11.77
N ALA C 120 -10.37 -11.99 -12.76
CA ALA C 120 -9.92 -11.82 -14.14
C ALA C 120 -9.10 -10.55 -14.29
N GLN C 121 -9.51 -9.46 -13.63
CA GLN C 121 -8.75 -8.23 -13.71
C GLN C 121 -7.42 -8.36 -13.00
N ARG C 122 -7.38 -9.10 -11.89
CA ARG C 122 -6.12 -9.33 -11.20
C ARG C 122 -5.18 -10.17 -12.05
N LEU C 123 -5.71 -11.21 -12.72
CA LEU C 123 -4.87 -12.03 -13.59
C LEU C 123 -4.29 -11.22 -14.73
N ALA C 124 -5.11 -10.34 -15.33
CA ALA C 124 -4.63 -9.53 -16.44
C ALA C 124 -3.49 -8.62 -16.01
N ALA C 125 -3.64 -7.95 -14.87
CA ALA C 125 -2.55 -7.13 -14.34
C ALA C 125 -1.31 -7.96 -14.04
N CYS C 126 -1.50 -9.16 -13.50
CA CYS C 126 -0.36 -10.03 -13.20
C CYS C 126 0.33 -10.51 -14.47
N ARG C 127 -0.43 -10.72 -15.56
CA ARG C 127 0.21 -11.09 -16.82
C ARG C 127 1.21 -10.02 -17.24
N GLU C 128 0.89 -8.75 -17.02
CA GLU C 128 1.79 -7.65 -17.35
C GLU C 128 2.92 -7.47 -16.34
N GLN C 129 2.66 -7.71 -15.05
CA GLN C 129 3.70 -7.60 -14.03
C GLN C 129 3.59 -8.78 -13.07
N PRO C 130 4.14 -9.93 -13.44
CA PRO C 130 3.96 -11.14 -12.62
C PRO C 130 4.71 -11.06 -11.30
N TYR C 131 4.17 -11.75 -10.31
CA TYR C 131 4.88 -11.99 -9.06
C TYR C 131 6.07 -12.90 -9.32
N LYS C 132 7.00 -12.91 -8.37
CA LYS C 132 8.21 -13.73 -8.50
C LYS C 132 7.83 -15.19 -8.69
N GLY C 133 8.31 -15.78 -9.78
CA GLY C 133 8.06 -17.18 -10.04
C GLY C 133 6.65 -17.50 -10.50
N MET C 134 5.95 -16.53 -11.08
CA MET C 134 4.55 -16.72 -11.42
C MET C 134 4.39 -17.59 -12.66
N VAL C 135 3.44 -18.52 -12.59
CA VAL C 135 3.11 -19.40 -13.71
C VAL C 135 1.59 -19.36 -13.88
N PHE C 136 1.14 -19.25 -15.12
CA PHE C 136 -0.28 -19.20 -15.44
C PHE C 136 -0.72 -20.53 -16.05
N PHE C 137 -1.97 -20.89 -15.80
CA PHE C 137 -2.54 -22.14 -16.27
C PHE C 137 -3.81 -21.86 -17.06
N GLU C 138 -3.90 -22.42 -18.26
CA GLU C 138 -5.04 -22.18 -19.14
C GLU C 138 -6.08 -23.29 -19.00
N MET D 1 -22.74 -0.12 0.34
CA MET D 1 -23.42 -1.24 -0.30
C MET D 1 -22.42 -2.23 -0.86
N LEU D 2 -22.02 -3.16 -0.01
CA LEU D 2 -21.24 -4.31 -0.45
C LEU D 2 -22.11 -5.20 -1.32
N SER D 3 -21.52 -5.74 -2.39
CA SER D 3 -22.27 -6.51 -3.37
C SER D 3 -22.03 -8.01 -3.27
N GLY D 4 -21.15 -8.45 -2.38
CA GLY D 4 -20.88 -9.87 -2.22
C GLY D 4 -19.47 -10.09 -1.72
N LEU D 5 -19.10 -11.36 -1.65
CA LEU D 5 -17.74 -11.74 -1.28
C LEU D 5 -16.83 -11.60 -2.49
N ASN D 6 -15.80 -10.76 -2.36
CA ASN D 6 -14.87 -10.58 -3.48
C ASN D 6 -13.90 -11.75 -3.59
N HIS D 7 -13.24 -12.10 -2.49
CA HIS D 7 -12.37 -13.26 -2.50
C HIS D 7 -12.15 -13.74 -1.07
N LEU D 8 -11.70 -14.98 -0.97
CA LEU D 8 -11.30 -15.59 0.29
C LEU D 8 -9.80 -15.87 0.22
N THR D 9 -9.06 -15.38 1.21
CA THR D 9 -7.62 -15.58 1.27
C THR D 9 -7.28 -16.41 2.50
N LEU D 10 -6.61 -17.54 2.28
CA LEU D 10 -6.20 -18.44 3.34
C LEU D 10 -4.68 -18.42 3.47
N ALA D 11 -4.20 -18.18 4.69
CA ALA D 11 -2.76 -18.29 4.95
C ALA D 11 -2.37 -19.76 5.00
N VAL D 12 -1.33 -20.13 4.26
CA VAL D 12 -0.88 -21.51 4.20
C VAL D 12 0.58 -21.59 4.60
N SER D 13 0.95 -22.71 5.20
CA SER D 13 2.33 -22.93 5.62
C SER D 13 3.22 -23.49 4.52
N GLN D 14 2.66 -24.33 3.63
CA GLN D 14 3.39 -24.90 2.51
C GLN D 14 2.54 -24.75 1.27
N LEU D 15 3.05 -24.00 0.28
CA LEU D 15 2.22 -23.67 -0.87
C LEU D 15 1.84 -24.90 -1.68
N ALA D 16 2.81 -25.78 -1.95
CA ALA D 16 2.55 -26.91 -2.84
C ALA D 16 1.49 -27.86 -2.30
N PRO D 17 1.55 -28.33 -1.04
CA PRO D 17 0.47 -29.21 -0.56
C PRO D 17 -0.89 -28.54 -0.55
N SER D 18 -0.95 -27.23 -0.28
CA SER D 18 -2.24 -26.54 -0.27
C SER D 18 -2.82 -26.42 -1.66
N VAL D 19 -1.99 -26.10 -2.66
CA VAL D 19 -2.49 -26.04 -4.02
C VAL D 19 -3.00 -27.41 -4.46
N ALA D 20 -2.25 -28.46 -4.12
CA ALA D 20 -2.68 -29.81 -4.48
C ALA D 20 -4.00 -30.16 -3.82
N PHE D 21 -4.20 -29.73 -2.56
CA PHE D 21 -5.45 -30.03 -1.86
C PHE D 21 -6.64 -29.39 -2.56
N TYR D 22 -6.55 -28.09 -2.87
CA TYR D 22 -7.70 -27.40 -3.42
C TYR D 22 -7.89 -27.69 -4.90
N GLN D 23 -6.82 -27.89 -5.65
CA GLN D 23 -6.96 -28.17 -7.07
C GLN D 23 -7.21 -29.66 -7.32
N GLN D 24 -6.29 -30.52 -6.85
CA GLN D 24 -6.35 -31.93 -7.22
C GLN D 24 -7.50 -32.65 -6.51
N LEU D 25 -7.63 -32.43 -5.21
CA LEU D 25 -8.62 -33.17 -4.43
C LEU D 25 -10.00 -32.52 -4.46
N LEU D 26 -10.07 -31.21 -4.23
CA LEU D 26 -11.35 -30.52 -4.23
C LEU D 26 -11.81 -30.14 -5.63
N GLY D 27 -10.94 -30.23 -6.63
CA GLY D 27 -11.35 -29.99 -8.00
C GLY D 27 -11.48 -28.54 -8.39
N MET D 28 -10.92 -27.61 -7.61
CA MET D 28 -11.02 -26.21 -7.98
C MET D 28 -10.10 -25.90 -9.16
N THR D 29 -10.42 -24.83 -9.86
CA THR D 29 -9.69 -24.43 -11.06
C THR D 29 -8.48 -23.60 -10.66
N LEU D 30 -7.29 -24.08 -11.01
CA LEU D 30 -6.05 -23.36 -10.73
C LEU D 30 -5.76 -22.41 -11.88
N HIS D 31 -5.71 -21.11 -11.58
CA HIS D 31 -5.47 -20.09 -12.58
C HIS D 31 -4.02 -19.63 -12.64
N ALA D 32 -3.36 -19.53 -11.48
CA ALA D 32 -1.99 -19.07 -11.44
C ALA D 32 -1.37 -19.47 -10.11
N ARG D 33 -0.04 -19.49 -10.08
CA ARG D 33 0.71 -19.81 -8.88
C ARG D 33 2.07 -19.12 -9.00
N TRP D 34 2.56 -18.60 -7.89
CA TRP D 34 3.87 -17.96 -7.84
C TRP D 34 4.56 -18.44 -6.57
N ASP D 35 5.73 -17.87 -6.28
CA ASP D 35 6.53 -18.39 -5.17
C ASP D 35 5.84 -18.21 -3.82
N SER D 36 4.92 -17.26 -3.69
CA SER D 36 4.30 -16.99 -2.39
C SER D 36 2.78 -17.08 -2.41
N GLY D 37 2.17 -17.62 -3.45
CA GLY D 37 0.73 -17.74 -3.44
C GLY D 37 0.20 -18.40 -4.70
N ALA D 38 -1.14 -18.52 -4.73
CA ALA D 38 -1.82 -19.13 -5.87
C ALA D 38 -3.25 -18.59 -5.93
N TYR D 39 -3.79 -18.53 -7.14
CA TYR D 39 -5.16 -18.14 -7.39
C TYR D 39 -5.94 -19.33 -7.93
N LEU D 40 -7.06 -19.64 -7.29
CA LEU D 40 -7.97 -20.67 -7.75
C LEU D 40 -9.38 -20.10 -7.80
N SER D 41 -10.26 -20.78 -8.53
CA SER D 41 -11.66 -20.41 -8.57
C SER D 41 -12.53 -21.64 -8.34
N CYS D 42 -13.66 -21.40 -7.70
CA CYS D 42 -14.64 -22.45 -7.38
C CYS D 42 -16.00 -21.82 -7.67
N GLY D 43 -16.51 -22.06 -8.88
CA GLY D 43 -17.66 -21.29 -9.31
C GLY D 43 -17.30 -19.83 -9.35
N ASP D 44 -18.12 -19.00 -8.71
CA ASP D 44 -17.82 -17.57 -8.60
C ASP D 44 -16.77 -17.26 -7.55
N LEU D 45 -16.44 -18.22 -6.67
CA LEU D 45 -15.53 -17.93 -5.58
C LEU D 45 -14.11 -17.72 -6.08
N TRP D 46 -13.51 -16.59 -5.70
CA TRP D 46 -12.10 -16.34 -5.91
C TRP D 46 -11.35 -16.74 -4.65
N LEU D 47 -10.50 -17.75 -4.76
CA LEU D 47 -9.71 -18.24 -3.64
C LEU D 47 -8.24 -17.91 -3.84
N CYS D 48 -7.66 -17.27 -2.84
CA CYS D 48 -6.23 -16.98 -2.82
C CYS D 48 -5.58 -17.78 -1.70
N LEU D 49 -4.60 -18.59 -2.05
CA LEU D 49 -3.72 -19.21 -1.07
C LEU D 49 -2.48 -18.33 -0.93
N SER D 50 -2.20 -17.88 0.29
CA SER D 50 -1.12 -16.95 0.55
C SER D 50 -0.12 -17.60 1.50
N LEU D 51 1.12 -17.77 1.02
CA LEU D 51 2.16 -18.33 1.86
C LEU D 51 2.43 -17.38 3.03
N ASP D 52 2.31 -17.89 4.24
CA ASP D 52 2.48 -17.09 5.45
C ASP D 52 3.38 -17.85 6.41
N PRO D 53 4.59 -17.35 6.69
CA PRO D 53 5.45 -18.04 7.66
C PRO D 53 4.86 -18.07 9.07
N GLN D 54 3.86 -17.23 9.35
CA GLN D 54 3.20 -17.21 10.64
C GLN D 54 2.11 -18.28 10.76
N ARG D 55 1.73 -18.93 9.65
CA ARG D 55 0.62 -19.88 9.69
C ARG D 55 1.03 -21.18 10.36
N ARG D 56 0.20 -21.62 11.30
CA ARG D 56 0.40 -22.87 12.02
C ARG D 56 -0.51 -23.94 11.44
N VAL D 57 -0.01 -25.18 11.39
CA VAL D 57 -0.93 -26.30 11.21
C VAL D 57 -1.69 -26.45 12.52
N THR D 58 -2.98 -26.12 12.51
CA THR D 58 -3.74 -25.95 13.73
C THR D 58 -4.72 -27.08 13.92
N PRO D 59 -4.61 -27.87 14.99
CA PRO D 59 -5.62 -28.90 15.24
C PRO D 59 -6.98 -28.27 15.47
N PRO D 60 -8.06 -28.99 15.17
CA PRO D 60 -9.39 -28.38 15.24
C PRO D 60 -9.79 -27.94 16.63
N GLU D 61 -9.29 -28.62 17.66
CA GLU D 61 -9.56 -28.21 19.04
C GLU D 61 -8.89 -26.89 19.40
N GLU D 62 -7.89 -26.45 18.64
CA GLU D 62 -7.14 -25.25 18.96
C GLU D 62 -7.56 -24.05 18.14
N SER D 63 -8.58 -24.19 17.30
CA SER D 63 -9.15 -23.08 16.55
C SER D 63 -10.63 -22.97 16.88
N ASP D 64 -11.18 -21.78 16.65
CA ASP D 64 -12.59 -21.57 16.93
C ASP D 64 -13.42 -22.13 15.78
N TYR D 65 -14.72 -21.81 15.77
CA TYR D 65 -15.68 -22.41 14.87
C TYR D 65 -15.70 -21.76 13.48
N THR D 66 -14.90 -20.72 13.25
CA THR D 66 -14.84 -20.10 11.93
C THR D 66 -14.50 -21.12 10.87
N HIS D 67 -15.31 -21.19 9.81
CA HIS D 67 -15.09 -22.17 8.76
C HIS D 67 -15.72 -21.68 7.47
N TYR D 68 -15.41 -22.39 6.39
CA TYR D 68 -15.77 -22.00 5.03
C TYR D 68 -16.44 -23.18 4.33
N ALA D 69 -17.66 -22.96 3.85
CA ALA D 69 -18.48 -24.02 3.28
C ALA D 69 -18.58 -23.86 1.77
N PHE D 70 -18.42 -24.95 1.04
CA PHE D 70 -18.54 -24.96 -0.41
C PHE D 70 -19.82 -25.67 -0.81
N SER D 71 -20.45 -25.17 -1.88
CA SER D 71 -21.69 -25.74 -2.37
C SER D 71 -21.42 -27.00 -3.19
N ILE D 72 -22.29 -27.99 -3.03
CA ILE D 72 -22.20 -29.22 -3.79
C ILE D 72 -23.63 -29.72 -4.00
N SER D 73 -23.85 -30.40 -5.12
CA SER D 73 -25.18 -30.87 -5.42
C SER D 73 -25.58 -31.99 -4.47
N GLU D 74 -26.90 -32.18 -4.33
CA GLU D 74 -27.41 -33.29 -3.54
C GLU D 74 -26.96 -34.63 -4.11
N ALA D 75 -26.83 -34.71 -5.44
CA ALA D 75 -26.46 -35.96 -6.08
C ALA D 75 -24.98 -36.30 -5.87
N ASP D 76 -24.12 -35.30 -5.74
CA ASP D 76 -22.69 -35.53 -5.60
C ASP D 76 -22.21 -35.55 -4.15
N PHE D 77 -23.03 -35.13 -3.20
CA PHE D 77 -22.60 -34.92 -1.83
C PHE D 77 -22.01 -36.18 -1.20
N ALA D 78 -22.75 -37.29 -1.25
CA ALA D 78 -22.34 -38.48 -0.52
C ALA D 78 -21.06 -39.08 -1.08
N SER D 79 -20.94 -39.18 -2.40
CA SER D 79 -19.75 -39.81 -2.98
C SER D 79 -18.51 -38.95 -2.75
N PHE D 80 -18.64 -37.63 -2.80
CA PHE D 80 -17.48 -36.78 -2.58
C PHE D 80 -17.05 -36.77 -1.12
N ALA D 81 -18.00 -36.78 -0.19
CA ALA D 81 -17.65 -36.88 1.22
C ALA D 81 -16.95 -38.21 1.50
N ALA D 82 -17.39 -39.28 0.84
CA ALA D 82 -16.75 -40.58 1.01
C ALA D 82 -15.32 -40.57 0.47
N ARG D 83 -15.11 -39.97 -0.71
CA ARG D 83 -13.77 -39.91 -1.28
C ARG D 83 -12.81 -39.14 -0.38
N LEU D 84 -13.27 -38.01 0.17
CA LEU D 84 -12.41 -37.23 1.05
C LEU D 84 -12.00 -38.03 2.27
N GLU D 85 -12.93 -38.79 2.86
CA GLU D 85 -12.60 -39.59 4.02
C GLU D 85 -11.66 -40.73 3.65
N ALA D 86 -11.88 -41.35 2.49
CA ALA D 86 -11.00 -42.41 2.01
C ALA D 86 -9.59 -41.90 1.76
N ALA D 87 -9.45 -40.66 1.29
CA ALA D 87 -8.16 -40.03 1.04
C ALA D 87 -7.47 -39.58 2.32
N GLY D 88 -8.05 -39.86 3.48
CA GLY D 88 -7.45 -39.50 4.75
C GLY D 88 -7.65 -38.06 5.17
N VAL D 89 -8.64 -37.37 4.61
CA VAL D 89 -8.93 -35.99 4.99
C VAL D 89 -9.64 -36.03 6.33
N ALA D 90 -9.11 -35.28 7.31
CA ALA D 90 -9.65 -35.32 8.66
C ALA D 90 -11.02 -34.66 8.75
N VAL D 91 -11.86 -35.20 9.62
CA VAL D 91 -13.17 -34.64 9.91
C VAL D 91 -13.10 -33.97 11.27
N TRP D 92 -13.54 -32.70 11.33
CA TRP D 92 -13.46 -31.93 12.57
C TRP D 92 -14.81 -31.81 13.27
N LYS D 93 -15.88 -32.32 12.66
CA LYS D 93 -17.20 -32.30 13.26
C LYS D 93 -18.05 -33.35 12.57
N LEU D 94 -18.67 -34.23 13.35
CA LEU D 94 -19.64 -35.20 12.84
C LEU D 94 -20.92 -35.05 13.64
N ASN D 95 -21.82 -34.19 13.18
CA ASN D 95 -23.15 -34.06 13.77
C ASN D 95 -24.09 -34.87 12.90
N ARG D 96 -24.54 -36.02 13.42
CA ARG D 96 -25.40 -36.90 12.65
C ARG D 96 -26.66 -36.20 12.17
N SER D 97 -27.16 -35.23 12.93
CA SER D 97 -28.36 -34.50 12.54
C SER D 97 -28.11 -33.58 11.35
N GLU D 98 -26.85 -33.31 11.01
CA GLU D 98 -26.53 -32.47 9.86
C GLU D 98 -26.13 -33.35 8.67
N GLY D 99 -27.13 -34.06 8.15
CA GLY D 99 -26.90 -34.98 7.04
C GLY D 99 -26.46 -34.30 5.76
N ALA D 100 -26.81 -33.04 5.56
CA ALA D 100 -26.43 -32.27 4.38
C ALA D 100 -25.08 -31.58 4.50
N SER D 101 -24.27 -31.92 5.50
CA SER D 101 -22.99 -31.26 5.71
C SER D 101 -21.88 -32.27 5.99
N HIS D 102 -20.69 -31.97 5.48
CA HIS D 102 -19.47 -32.72 5.77
C HIS D 102 -18.39 -31.73 6.16
N TYR D 103 -17.89 -31.86 7.39
CA TYR D 103 -16.91 -30.93 7.95
C TYR D 103 -15.52 -31.54 7.89
N PHE D 104 -14.62 -30.92 7.13
CA PHE D 104 -13.29 -31.48 6.91
C PHE D 104 -12.24 -30.39 7.00
N LEU D 105 -10.98 -30.81 7.17
CA LEU D 105 -9.85 -29.93 7.39
C LEU D 105 -8.92 -29.89 6.18
N ASP D 106 -8.34 -28.72 5.92
CA ASP D 106 -7.33 -28.59 4.86
C ASP D 106 -5.97 -28.91 5.48
N PRO D 107 -4.86 -28.94 4.71
CA PRO D 107 -3.57 -29.32 5.31
C PRO D 107 -3.13 -28.46 6.48
N ASP D 108 -3.58 -27.22 6.58
CA ASP D 108 -3.16 -26.34 7.67
C ASP D 108 -4.17 -26.31 8.82
N GLY D 109 -5.24 -27.09 8.75
CA GLY D 109 -6.24 -27.04 9.78
C GLY D 109 -7.32 -26.01 9.55
N HIS D 110 -7.34 -25.33 8.40
CA HIS D 110 -8.49 -24.51 8.06
C HIS D 110 -9.73 -25.39 8.05
N LYS D 111 -10.76 -24.94 8.76
CA LYS D 111 -11.99 -25.72 8.85
C LYS D 111 -12.84 -25.47 7.61
N LEU D 112 -13.15 -26.54 6.89
CA LEU D 112 -13.92 -26.50 5.66
C LEU D 112 -15.19 -27.32 5.83
N GLU D 113 -16.07 -27.20 4.84
CA GLU D 113 -17.36 -27.87 4.91
C GLU D 113 -17.91 -28.04 3.50
N LEU D 114 -18.49 -29.20 3.24
CA LEU D 114 -19.36 -29.42 2.09
C LEU D 114 -20.80 -29.28 2.56
N HIS D 115 -21.61 -28.49 1.85
CA HIS D 115 -22.98 -28.32 2.26
C HIS D 115 -23.90 -28.30 1.06
N VAL D 116 -25.01 -29.03 1.18
CA VAL D 116 -26.09 -29.00 0.20
C VAL D 116 -27.21 -28.15 0.77
N GLY D 117 -27.51 -27.03 0.12
CA GLY D 117 -28.61 -26.19 0.54
C GLY D 117 -28.29 -24.71 0.58
N SER D 118 -29.30 -23.90 0.33
CA SER D 118 -29.17 -22.45 0.29
C SER D 118 -29.60 -21.84 1.62
N LEU D 119 -29.38 -20.53 1.73
CA LEU D 119 -29.85 -19.81 2.91
C LEU D 119 -31.37 -19.85 3.02
N ALA D 120 -32.07 -19.66 1.90
CA ALA D 120 -33.52 -19.72 1.92
C ALA D 120 -34.00 -21.10 2.35
N GLN D 121 -33.32 -22.16 1.90
CA GLN D 121 -33.71 -23.51 2.30
C GLN D 121 -33.45 -23.73 3.79
N ARG D 122 -32.35 -23.17 4.31
CA ARG D 122 -32.07 -23.26 5.74
C ARG D 122 -33.10 -22.49 6.56
N LEU D 123 -33.50 -21.30 6.08
CA LEU D 123 -34.49 -20.51 6.79
C LEU D 123 -35.82 -21.24 6.86
N ALA D 124 -36.22 -21.90 5.77
CA ALA D 124 -37.47 -22.65 5.77
C ALA D 124 -37.43 -23.79 6.78
N ALA D 125 -36.33 -24.55 6.79
CA ALA D 125 -36.18 -25.61 7.78
C ALA D 125 -36.20 -25.05 9.19
N CYS D 126 -35.56 -23.91 9.38
CA CYS D 126 -35.52 -23.28 10.70
C CYS D 126 -36.90 -22.81 11.15
N ARG D 127 -37.77 -22.41 10.22
CA ARG D 127 -39.14 -22.08 10.60
C ARG D 127 -39.84 -23.26 11.26
N GLU D 128 -39.50 -24.48 10.84
CA GLU D 128 -40.18 -25.66 11.37
C GLU D 128 -39.56 -26.17 12.66
N GLN D 129 -38.25 -26.04 12.84
CA GLN D 129 -37.60 -26.36 14.12
C GLN D 129 -36.60 -25.26 14.44
N PRO D 130 -37.07 -24.17 15.03
CA PRO D 130 -36.19 -23.03 15.27
C PRO D 130 -35.12 -23.34 16.30
N TYR D 131 -33.99 -22.64 16.15
CA TYR D 131 -33.01 -22.64 17.23
C TYR D 131 -33.59 -21.88 18.41
N LYS D 132 -33.04 -22.13 19.59
CA LYS D 132 -33.57 -21.52 20.81
C LYS D 132 -33.52 -19.99 20.70
N GLY D 133 -34.67 -19.36 20.89
CA GLY D 133 -34.78 -17.92 20.86
C GLY D 133 -34.72 -17.29 19.49
N MET D 134 -35.04 -18.03 18.44
CA MET D 134 -34.85 -17.53 17.08
C MET D 134 -35.94 -16.55 16.65
N VAL D 135 -35.53 -15.51 15.94
CA VAL D 135 -36.41 -14.49 15.39
C VAL D 135 -36.09 -14.34 13.91
N PHE D 136 -37.14 -14.23 13.09
CA PHE D 136 -37.00 -14.07 11.65
C PHE D 136 -37.35 -12.65 11.24
N PHE D 137 -36.70 -12.18 10.18
CA PHE D 137 -36.93 -10.82 9.69
C PHE D 137 -37.35 -10.80 8.23
#